data_8QT8
#
_entry.id   8QT8
#
_cell.length_a   36.106
_cell.length_b   73.339
_cell.length_c   55.229
_cell.angle_alpha   90.00
_cell.angle_beta   95.17
_cell.angle_gamma   90.00
#
_symmetry.space_group_name_H-M   'P 1 21 1'
#
loop_
_entity.id
_entity.type
_entity.pdbx_description
1 polymer 'NAD-dependent protein deacetylase sirtuin-2'
2 polymer 'Peptide-based TNFa-Myr analogue TNFn-34'
3 non-polymer 'ZINC ION'
4 non-polymer '3-dodecylsulfanylpropanoic acid'
5 water water
#
loop_
_entity_poly.entity_id
_entity_poly.type
_entity_poly.pdbx_seq_one_letter_code
_entity_poly.pdbx_strand_id
1 'polypeptide(L)'
;GHMERLLDELTLEGVARYMQSERCRRVICLVGAGISTSAGIPDFRSPSTGLYDNLEKYHLPYPEAIFEISYFKKHPEPFF
ALAKELYPGQFKPTICHYFMRLLKDKGLLLRCYTQNIDTLERIAGLEQEDLVEAHGTFYTSHCVSASCRHEYPLSWMKEK
IFSEVTPKCEDCQSLVKPDIVFFGESLPARFFSCMQSDFLKVDLLLVMGTSLQVQPFASLISKAPLSTPRLLINKEKAGQ
SDPFLGMIMGLGGGMDFDSKKAYRDVAWLGECDQGCLALAELLGWKKELEDLVRREHASIDAQS
;
A
2 'polypeptide(L)' EALPKK(NIY)GG(NH2) B
#
# COMPACT_ATOMS: atom_id res chain seq x y z
N GLU A 4 -27.84 -3.32 -17.95
CA GLU A 4 -27.96 -3.56 -16.53
C GLU A 4 -26.74 -3.02 -15.76
N ARG A 5 -25.55 -3.20 -16.31
CA ARG A 5 -24.30 -3.02 -15.59
C ARG A 5 -23.55 -1.79 -16.07
N LEU A 6 -22.68 -1.26 -15.19
CA LEU A 6 -21.98 -0.02 -15.54
C LEU A 6 -20.90 -0.23 -16.59
N LEU A 7 -20.21 -1.38 -16.57
CA LEU A 7 -19.20 -1.64 -17.58
C LEU A 7 -19.86 -2.14 -18.84
N ASP A 8 -19.46 -1.63 -20.00
CA ASP A 8 -20.05 -2.18 -21.21
C ASP A 8 -19.44 -3.52 -21.59
N GLU A 9 -18.28 -3.84 -21.05
CA GLU A 9 -17.69 -5.16 -21.16
C GLU A 9 -16.66 -5.35 -20.06
N LEU A 10 -16.42 -6.62 -19.73
CA LEU A 10 -15.56 -6.97 -18.60
C LEU A 10 -14.09 -7.13 -19.02
N THR A 11 -13.55 -6.00 -19.47
CA THR A 11 -12.18 -5.91 -19.98
C THR A 11 -11.57 -4.61 -19.50
N LEU A 12 -10.25 -4.50 -19.63
CA LEU A 12 -9.57 -3.25 -19.35
C LEU A 12 -10.14 -2.12 -20.22
N GLU A 13 -10.44 -2.42 -21.46
CA GLU A 13 -11.08 -1.47 -22.36
C GLU A 13 -12.44 -0.99 -21.85
N GLY A 14 -13.25 -1.90 -21.31
CA GLY A 14 -14.51 -1.45 -20.72
C GLY A 14 -14.29 -0.56 -19.50
N VAL A 15 -13.28 -0.88 -18.71
CA VAL A 15 -12.98 -0.04 -17.55
C VAL A 15 -12.54 1.35 -17.98
N ALA A 16 -11.71 1.44 -19.02
CA ALA A 16 -11.26 2.75 -19.45
C ALA A 16 -12.42 3.59 -19.98
N ARG A 17 -13.31 2.98 -20.78
CA ARG A 17 -14.48 3.73 -21.24
C ARG A 17 -15.30 4.23 -20.07
N TYR A 18 -15.49 3.40 -19.06
CA TYR A 18 -16.26 3.80 -17.89
C TYR A 18 -15.59 4.94 -17.16
N MET A 19 -14.27 4.89 -17.08
CA MET A 19 -13.49 5.91 -16.36
C MET A 19 -13.63 7.27 -17.04
N GLN A 20 -13.80 7.29 -18.36
CA GLN A 20 -13.92 8.55 -19.09
C GLN A 20 -15.36 8.99 -19.30
N SER A 21 -16.33 8.20 -18.82
CA SER A 21 -17.74 8.55 -18.82
C SER A 21 -18.10 9.42 -17.62
N GLU A 22 -19.27 10.06 -17.69
CA GLU A 22 -19.72 10.94 -16.63
C GLU A 22 -20.02 10.18 -15.35
N ARG A 23 -20.21 8.85 -15.43
CA ARG A 23 -20.60 8.08 -14.26
C ARG A 23 -19.46 7.81 -13.29
N CYS A 24 -18.22 7.95 -13.73
CA CYS A 24 -17.08 7.56 -12.91
C CYS A 24 -16.36 8.81 -12.45
N ARG A 25 -16.62 9.20 -11.22
CA ARG A 25 -16.07 10.42 -10.68
C ARG A 25 -15.04 10.18 -9.58
N ARG A 26 -15.21 9.09 -8.83
CA ARG A 26 -14.46 8.88 -7.60
C ARG A 26 -13.86 7.47 -7.59
N VAL A 27 -12.54 7.40 -7.51
CA VAL A 27 -11.81 6.14 -7.58
C VAL A 27 -11.16 5.87 -6.22
N ILE A 28 -11.33 4.67 -5.70
CA ILE A 28 -10.54 4.20 -4.56
C ILE A 28 -9.53 3.18 -5.05
N CYS A 29 -8.27 3.37 -4.69
CA CYS A 29 -7.20 2.41 -4.96
C CYS A 29 -6.94 1.60 -3.71
N LEU A 30 -6.78 0.28 -3.87
CA LEU A 30 -6.41 -0.63 -2.80
C LEU A 30 -5.11 -1.29 -3.24
N VAL A 31 -4.02 -1.03 -2.52
CA VAL A 31 -2.74 -1.48 -3.06
C VAL A 31 -1.94 -2.24 -2.02
N GLY A 32 -1.14 -3.18 -2.51
CA GLY A 32 -0.33 -4.04 -1.68
C GLY A 32 1.10 -4.15 -2.14
N ALA A 33 1.78 -5.20 -1.68
CA ALA A 33 3.22 -5.31 -1.89
C ALA A 33 3.60 -5.42 -3.36
N GLY A 34 2.68 -5.91 -4.19
CA GLY A 34 2.94 -6.09 -5.61
C GLY A 34 3.22 -4.81 -6.36
N ILE A 35 2.83 -3.65 -5.81
CA ILE A 35 3.12 -2.40 -6.50
C ILE A 35 4.47 -1.86 -6.14
N SER A 36 5.17 -2.44 -5.17
CA SER A 36 6.48 -1.95 -4.80
C SER A 36 7.60 -2.96 -5.06
N THR A 37 7.28 -4.14 -5.57
CA THR A 37 8.35 -5.10 -5.79
C THR A 37 9.26 -4.66 -6.93
N SER A 38 8.74 -3.94 -7.92
CA SER A 38 9.62 -3.49 -8.99
C SER A 38 10.47 -2.29 -8.57
N ALA A 39 10.19 -1.70 -7.41
CA ALA A 39 11.05 -0.70 -6.77
C ALA A 39 12.11 -1.34 -5.90
N GLY A 40 12.14 -2.67 -5.84
CA GLY A 40 13.12 -3.37 -5.02
C GLY A 40 12.71 -3.62 -3.59
N ILE A 41 11.47 -3.31 -3.22
CA ILE A 41 10.99 -3.51 -1.86
C ILE A 41 10.39 -4.92 -1.78
N PRO A 42 10.85 -5.78 -0.88
CA PRO A 42 10.29 -7.14 -0.83
C PRO A 42 8.95 -7.13 -0.12
N ASP A 43 8.16 -8.18 -0.39
CA ASP A 43 6.88 -8.40 0.27
C ASP A 43 7.17 -8.93 1.67
N PHE A 44 6.99 -8.07 2.68
CA PHE A 44 7.34 -8.48 4.03
C PHE A 44 6.39 -9.50 4.63
N ARG A 45 5.24 -9.77 4.02
CA ARG A 45 4.37 -10.83 4.52
C ARG A 45 4.57 -12.15 3.82
N SER A 46 5.38 -12.19 2.76
CA SER A 46 5.56 -13.43 2.03
C SER A 46 6.60 -14.29 2.72
N PRO A 47 6.29 -15.55 3.03
CA PRO A 47 7.31 -16.44 3.58
C PRO A 47 8.52 -16.63 2.68
N SER A 48 8.36 -16.41 1.37
CA SER A 48 9.50 -16.59 0.47
C SER A 48 10.58 -15.54 0.70
N THR A 49 10.22 -14.37 1.21
CA THR A 49 11.24 -13.38 1.56
C THR A 49 11.91 -13.78 2.87
N GLY A 50 13.15 -13.34 3.05
CA GLY A 50 13.96 -13.84 4.15
C GLY A 50 13.79 -13.06 5.45
N LEU A 51 12.70 -13.30 6.15
CA LEU A 51 12.42 -12.55 7.38
C LEU A 51 12.75 -13.36 8.64
N LEU A 55 17.67 -15.73 11.98
CA LEU A 55 17.79 -14.85 13.14
C LEU A 55 18.02 -15.62 14.44
N GLU A 56 18.87 -16.65 14.39
CA GLU A 56 19.13 -17.47 15.56
C GLU A 56 19.80 -16.68 16.66
N LYS A 57 20.62 -15.69 16.29
CA LYS A 57 21.45 -14.98 17.25
C LYS A 57 20.63 -14.15 18.23
N TYR A 58 19.33 -14.01 18.01
CA TYR A 58 18.52 -13.10 18.81
C TYR A 58 17.84 -13.79 19.98
N HIS A 59 17.81 -15.13 19.98
CA HIS A 59 17.33 -15.90 21.13
C HIS A 59 15.88 -15.55 21.44
N LEU A 60 15.06 -15.50 20.39
CA LEU A 60 13.66 -15.16 20.47
C LEU A 60 12.87 -16.31 21.10
N PRO A 61 11.85 -16.01 21.91
CA PRO A 61 10.99 -17.10 22.42
C PRO A 61 10.23 -17.79 21.31
N TYR A 62 9.98 -17.10 20.20
CA TYR A 62 9.27 -17.63 19.05
C TYR A 62 9.56 -16.73 17.85
N PRO A 63 9.57 -17.27 16.62
CA PRO A 63 10.00 -16.45 15.47
C PRO A 63 9.27 -15.12 15.32
N GLU A 64 7.95 -15.13 15.42
CA GLU A 64 7.17 -13.92 15.14
C GLU A 64 7.42 -12.81 16.15
N ALA A 65 8.10 -13.11 17.27
CA ALA A 65 8.30 -12.12 18.33
C ALA A 65 9.05 -10.88 17.84
N ILE A 66 9.84 -11.01 16.77
CA ILE A 66 10.55 -9.86 16.23
C ILE A 66 9.56 -8.77 15.81
N PHE A 67 8.30 -9.13 15.55
CA PHE A 67 7.30 -8.20 15.04
C PHE A 67 6.12 -7.96 15.98
N GLU A 68 6.15 -8.52 17.19
CA GLU A 68 5.12 -8.27 18.17
C GLU A 68 5.54 -7.10 19.06
N ILE A 69 4.57 -6.25 19.38
CA ILE A 69 4.89 -4.96 20.00
C ILE A 69 5.47 -5.16 21.40
N SER A 70 4.92 -6.11 22.17
CA SER A 70 5.35 -6.24 23.56
C SER A 70 6.78 -6.79 23.64
N TYR A 71 7.12 -7.74 22.77
CA TYR A 71 8.53 -8.13 22.65
C TYR A 71 9.41 -6.96 22.24
N PHE A 72 9.02 -6.24 21.19
CA PHE A 72 9.86 -5.16 20.67
C PHE A 72 10.15 -4.15 21.78
N LYS A 73 9.16 -3.84 22.61
CA LYS A 73 9.36 -2.79 23.60
C LYS A 73 10.37 -3.21 24.66
N LYS A 74 10.51 -4.52 24.91
CA LYS A 74 11.49 -5.04 25.88
C LYS A 74 12.85 -5.33 25.26
N HIS A 75 12.86 -5.85 24.03
CA HIS A 75 14.08 -6.19 23.30
C HIS A 75 13.93 -5.64 21.89
N PRO A 76 14.23 -4.35 21.70
CA PRO A 76 14.06 -3.75 20.36
C PRO A 76 15.23 -4.03 19.45
N GLU A 77 16.36 -4.46 20.01
CA GLU A 77 17.56 -4.67 19.20
C GLU A 77 17.36 -5.64 18.04
N PRO A 78 16.69 -6.79 18.20
CA PRO A 78 16.49 -7.66 17.03
C PRO A 78 15.75 -6.99 15.88
N PHE A 79 14.71 -6.20 16.16
CA PHE A 79 13.98 -5.53 15.08
C PHE A 79 14.88 -4.53 14.35
N PHE A 80 15.65 -3.74 15.10
CA PHE A 80 16.44 -2.72 14.42
C PHE A 80 17.62 -3.32 13.69
N ALA A 81 18.14 -4.45 14.16
CA ALA A 81 19.17 -5.14 13.38
C ALA A 81 18.59 -5.64 12.06
N LEU A 82 17.38 -6.19 12.11
CA LEU A 82 16.70 -6.60 10.88
C LEU A 82 16.43 -5.40 9.97
N ALA A 83 15.99 -4.28 10.56
CA ALA A 83 15.70 -3.10 9.74
C ALA A 83 16.94 -2.63 8.99
N LYS A 84 18.13 -2.74 9.61
CA LYS A 84 19.35 -2.36 8.89
C LYS A 84 19.59 -3.28 7.70
N GLU A 85 19.42 -4.58 7.91
CA GLU A 85 19.64 -5.56 6.85
C GLU A 85 18.70 -5.29 5.66
N LEU A 86 17.47 -4.89 5.94
CA LEU A 86 16.44 -4.80 4.90
C LEU A 86 16.26 -3.39 4.37
N TYR A 87 16.96 -2.41 4.91
CA TYR A 87 16.71 -1.02 4.54
C TYR A 87 16.95 -0.83 3.05
N PRO A 88 16.02 -0.22 2.33
CA PRO A 88 16.18 -0.07 0.87
C PRO A 88 17.37 0.80 0.53
N GLY A 89 18.06 0.42 -0.55
CA GLY A 89 19.12 1.25 -1.05
C GLY A 89 18.65 2.54 -1.68
N GLN A 90 17.37 2.60 -2.07
CA GLN A 90 16.82 3.78 -2.72
C GLN A 90 15.32 3.70 -2.56
N PHE A 91 14.66 4.87 -2.56
CA PHE A 91 13.21 4.96 -2.45
C PHE A 91 12.69 5.58 -3.73
N LYS A 92 12.49 4.77 -4.75
CA LYS A 92 12.07 5.27 -6.05
C LYS A 92 10.70 4.66 -6.38
N PRO A 93 9.62 5.44 -6.33
CA PRO A 93 8.30 4.87 -6.58
C PRO A 93 8.18 4.33 -7.99
N THR A 94 7.21 3.45 -8.18
CA THR A 94 7.02 2.75 -9.45
C THR A 94 6.02 3.47 -10.35
N ILE A 95 5.96 3.00 -11.60
CA ILE A 95 4.93 3.49 -12.52
C ILE A 95 3.56 3.45 -11.86
N CYS A 96 3.25 2.38 -11.11
CA CYS A 96 1.94 2.28 -10.48
CA CYS A 96 1.95 2.28 -10.46
C CYS A 96 1.73 3.40 -9.46
N HIS A 97 2.75 3.72 -8.66
CA HIS A 97 2.59 4.84 -7.72
C HIS A 97 2.32 6.14 -8.46
N TYR A 98 3.02 6.38 -9.58
CA TYR A 98 2.82 7.63 -10.28
C TYR A 98 1.50 7.65 -11.04
N PHE A 99 0.98 6.47 -11.44
CA PHE A 99 -0.38 6.43 -11.97
C PHE A 99 -1.38 6.95 -10.94
N MET A 100 -1.21 6.59 -9.67
CA MET A 100 -2.12 7.13 -8.68
C MET A 100 -1.93 8.62 -8.49
N ARG A 101 -0.70 9.11 -8.65
CA ARG A 101 -0.53 10.56 -8.62
C ARG A 101 -1.28 11.23 -9.76
N LEU A 102 -1.30 10.59 -10.95
CA LEU A 102 -2.08 11.15 -12.04
C LEU A 102 -3.57 11.13 -11.74
N LEU A 103 -4.07 10.03 -11.15
CA LEU A 103 -5.46 10.02 -10.70
C LEU A 103 -5.74 11.21 -9.80
N LYS A 104 -4.83 11.47 -8.86
CA LYS A 104 -5.00 12.61 -7.96
C LYS A 104 -5.04 13.91 -8.75
N ASP A 105 -4.11 14.07 -9.69
CA ASP A 105 -4.00 15.32 -10.46
C ASP A 105 -5.26 15.58 -11.26
N LYS A 106 -5.90 14.52 -11.74
CA LYS A 106 -7.07 14.63 -12.61
C LYS A 106 -8.38 14.68 -11.84
N GLY A 107 -8.30 14.81 -10.51
CA GLY A 107 -9.47 14.97 -9.67
C GLY A 107 -10.28 13.71 -9.49
N LEU A 108 -9.68 12.54 -9.71
CA LEU A 108 -10.39 11.27 -9.69
C LEU A 108 -10.11 10.44 -8.45
N LEU A 109 -9.10 10.79 -7.64
CA LEU A 109 -8.66 9.91 -6.54
C LEU A 109 -9.42 10.27 -5.28
N LEU A 110 -10.33 9.39 -4.86
CA LEU A 110 -10.98 9.58 -3.57
C LEU A 110 -10.05 9.21 -2.43
N ARG A 111 -9.36 8.07 -2.56
CA ARG A 111 -8.49 7.60 -1.49
C ARG A 111 -7.64 6.45 -2.01
N CYS A 112 -6.42 6.34 -1.50
CA CYS A 112 -5.57 5.18 -1.67
C CYS A 112 -5.40 4.51 -0.32
N TYR A 113 -5.86 3.27 -0.20
CA TYR A 113 -5.67 2.45 0.99
C TYR A 113 -4.48 1.55 0.69
N THR A 114 -3.42 1.63 1.52
CA THR A 114 -2.25 0.83 1.25
C THR A 114 -1.90 -0.06 2.44
N GLN A 115 -1.45 -1.26 2.12
CA GLN A 115 -0.90 -2.19 3.08
C GLN A 115 0.60 -1.99 3.26
N ASN A 116 1.22 -1.16 2.44
CA ASN A 116 2.67 -1.05 2.42
C ASN A 116 3.15 -0.02 3.42
N ILE A 117 4.35 -0.26 3.93
CA ILE A 117 4.96 0.64 4.90
CA ILE A 117 4.99 0.59 4.92
C ILE A 117 6.16 1.36 4.32
N ASP A 118 6.37 1.27 3.01
CA ASP A 118 7.62 1.71 2.38
C ASP A 118 7.68 3.17 2.00
N THR A 119 6.62 3.95 2.23
CA THR A 119 6.56 5.40 2.04
C THR A 119 6.47 5.79 0.57
N LEU A 120 6.45 4.85 -0.37
CA LEU A 120 6.57 5.26 -1.77
C LEU A 120 5.34 6.05 -2.24
N GLU A 121 4.15 5.81 -1.64
CA GLU A 121 2.98 6.64 -1.98
C GLU A 121 3.24 8.12 -1.72
N ARG A 122 3.88 8.45 -0.60
CA ARG A 122 4.16 9.83 -0.26
C ARG A 122 5.20 10.43 -1.18
N ILE A 123 6.26 9.66 -1.47
CA ILE A 123 7.32 10.17 -2.34
C ILE A 123 6.75 10.47 -3.71
N ALA A 124 5.78 9.67 -4.15
CA ALA A 124 5.17 9.84 -5.47
C ALA A 124 4.18 10.99 -5.50
N GLY A 125 3.88 11.60 -4.36
CA GLY A 125 3.05 12.78 -4.37
C GLY A 125 1.64 12.61 -3.85
N LEU A 126 1.31 11.47 -3.24
CA LEU A 126 0.04 11.39 -2.52
C LEU A 126 0.19 12.07 -1.15
N GLU A 127 -0.79 12.88 -0.77
CA GLU A 127 -0.74 13.62 0.48
C GLU A 127 -1.44 12.83 1.59
N GLN A 128 -1.22 13.26 2.84
CA GLN A 128 -1.85 12.58 3.95
C GLN A 128 -3.35 12.41 3.71
N GLU A 129 -4.01 13.44 3.20
CA GLU A 129 -5.46 13.39 3.07
C GLU A 129 -5.88 12.32 2.07
N ASP A 130 -5.00 11.96 1.13
CA ASP A 130 -5.29 10.97 0.10
C ASP A 130 -5.09 9.53 0.55
N LEU A 131 -4.39 9.31 1.67
CA LEU A 131 -3.85 8.02 2.03
C LEU A 131 -4.53 7.46 3.28
N VAL A 132 -4.82 6.17 3.25
CA VAL A 132 -5.04 5.39 4.45
C VAL A 132 -3.93 4.35 4.49
N GLU A 133 -2.95 4.56 5.37
CA GLU A 133 -1.84 3.62 5.54
C GLU A 133 -2.29 2.59 6.57
N ALA A 134 -2.88 1.51 6.06
CA ALA A 134 -3.57 0.55 6.91
C ALA A 134 -2.64 -0.12 7.90
N HIS A 135 -1.35 -0.23 7.56
CA HIS A 135 -0.40 -0.86 8.46
C HIS A 135 0.66 0.13 8.93
N GLY A 136 0.37 1.41 8.85
CA GLY A 136 1.31 2.43 9.27
C GLY A 136 2.38 2.66 8.22
N THR A 137 3.45 3.32 8.65
CA THR A 137 4.47 3.74 7.70
C THR A 137 5.81 3.88 8.42
N PHE A 138 6.89 3.74 7.66
CA PHE A 138 8.21 4.11 8.18
C PHE A 138 8.49 5.59 8.04
N TYR A 139 7.56 6.35 7.44
CA TYR A 139 7.79 7.75 7.12
C TYR A 139 8.10 8.56 8.36
N THR A 140 7.40 8.28 9.44
CA THR A 140 7.56 8.97 10.70
C THR A 140 7.74 7.92 11.79
N SER A 141 8.31 8.37 12.91
CA SER A 141 8.54 7.53 14.07
C SER A 141 8.17 8.34 15.29
N HIS A 142 7.74 7.67 16.37
CA HIS A 142 7.35 8.39 17.58
C HIS A 142 7.97 7.73 18.77
N CYS A 143 8.38 8.57 19.71
CA CYS A 143 8.64 8.10 21.05
C CYS A 143 7.46 7.27 21.57
N VAL A 144 7.77 6.14 22.21
CA VAL A 144 6.69 5.27 22.69
C VAL A 144 6.07 5.73 24.00
N SER A 145 6.66 6.68 24.72
CA SER A 145 6.06 7.16 25.97
C SER A 145 4.79 7.94 25.70
N ALA A 146 3.71 7.55 26.37
CA ALA A 146 2.40 8.12 26.06
C ALA A 146 2.34 9.62 26.38
N SER A 147 3.12 10.09 27.35
CA SER A 147 3.10 11.48 27.77
C SER A 147 4.03 12.36 26.94
N CYS A 148 4.72 11.77 25.97
CA CYS A 148 5.71 12.51 25.18
C CYS A 148 5.37 12.43 23.71
N ARG A 149 5.52 11.27 23.07
CA ARG A 149 5.12 11.06 21.69
C ARG A 149 5.83 12.00 20.72
N HIS A 150 7.06 12.39 21.04
CA HIS A 150 7.83 13.24 20.15
C HIS A 150 7.98 12.53 18.80
N GLU A 151 7.74 13.27 17.71
CA GLU A 151 7.80 12.74 16.35
C GLU A 151 9.17 12.94 15.73
N TYR A 152 9.66 11.91 15.04
CA TYR A 152 10.95 11.98 14.36
C TYR A 152 10.79 11.58 12.90
N PRO A 153 11.48 12.29 12.01
CA PRO A 153 11.39 11.99 10.57
C PRO A 153 12.24 10.79 10.20
N LEU A 154 12.01 10.29 8.97
CA LEU A 154 12.73 9.08 8.55
C LEU A 154 14.24 9.29 8.50
N SER A 155 14.70 10.50 8.16
CA SER A 155 16.15 10.70 8.11
C SER A 155 16.78 10.47 9.47
N TRP A 156 16.11 10.95 10.53
CA TRP A 156 16.59 10.72 11.89
C TRP A 156 16.64 9.24 12.21
N MET A 157 15.58 8.52 11.86
CA MET A 157 15.49 7.11 12.22
C MET A 157 16.49 6.31 11.40
N LYS A 158 16.67 6.70 10.13
CA LYS A 158 17.66 6.04 9.28
C LYS A 158 19.06 6.09 9.88
N GLU A 159 19.50 7.25 10.37
CA GLU A 159 20.87 7.33 10.87
C GLU A 159 21.04 6.51 12.15
N LYS A 160 19.99 6.39 12.96
CA LYS A 160 20.07 5.49 14.11
C LYS A 160 20.19 4.03 13.66
N ILE A 161 19.40 3.63 12.67
CA ILE A 161 19.44 2.24 12.19
C ILE A 161 20.82 1.88 11.64
N PHE A 162 21.41 2.77 10.85
CA PHE A 162 22.70 2.43 10.26
C PHE A 162 23.85 2.51 11.25
N SER A 163 23.84 3.49 12.15
CA SER A 163 24.90 3.53 13.15
C SER A 163 24.73 2.45 14.21
N GLU A 164 23.64 1.69 14.17
CA GLU A 164 23.39 0.58 15.10
C GLU A 164 23.21 1.09 16.52
N VAL A 165 22.66 2.29 16.67
CA VAL A 165 22.28 2.86 17.95
C VAL A 165 20.77 2.72 18.09
N THR A 166 20.33 2.05 19.16
CA THR A 166 18.90 1.94 19.39
C THR A 166 18.31 3.34 19.51
N PRO A 167 17.32 3.70 18.70
CA PRO A 167 16.80 5.08 18.74
C PRO A 167 16.11 5.37 20.07
N LYS A 168 16.61 6.41 20.74
CA LYS A 168 16.03 6.88 22.01
C LYS A 168 15.57 8.32 21.84
N CYS A 169 14.47 8.67 22.51
CA CYS A 169 13.91 10.01 22.43
C CYS A 169 14.84 11.05 23.05
N GLU A 170 15.09 12.15 22.31
CA GLU A 170 15.90 13.24 22.85
C GLU A 170 15.25 13.94 24.06
N ASP A 171 13.92 13.96 24.14
CA ASP A 171 13.24 14.62 25.25
C ASP A 171 13.19 13.75 26.50
N CYS A 172 12.89 12.45 26.34
CA CYS A 172 12.64 11.64 27.53
C CYS A 172 13.43 10.34 27.56
N GLN A 173 14.22 10.02 26.53
CA GLN A 173 15.09 8.84 26.47
C GLN A 173 14.33 7.52 26.41
N SER A 174 13.03 7.55 26.11
CA SER A 174 12.28 6.34 25.80
C SER A 174 12.63 5.86 24.41
N LEU A 175 12.29 4.60 24.14
CA LEU A 175 12.42 4.05 22.79
C LEU A 175 11.59 4.83 21.78
N VAL A 176 12.15 5.01 20.57
CA VAL A 176 11.43 5.60 19.44
C VAL A 176 11.14 4.49 18.44
N LYS A 177 9.88 4.38 18.01
CA LYS A 177 9.47 3.27 17.15
C LYS A 177 8.95 3.80 15.82
N PRO A 178 9.34 3.20 14.70
CA PRO A 178 8.73 3.57 13.42
C PRO A 178 7.21 3.37 13.49
N ASP A 179 6.49 4.25 12.81
CA ASP A 179 5.03 4.27 12.88
C ASP A 179 4.37 3.15 12.09
N ILE A 180 5.01 1.98 12.02
CA ILE A 180 4.34 0.82 11.45
C ILE A 180 3.53 0.15 12.55
N VAL A 181 2.51 -0.57 12.14
CA VAL A 181 1.67 -1.31 13.10
C VAL A 181 2.33 -2.66 13.33
N PHE A 182 2.91 -2.86 14.51
CA PHE A 182 3.44 -4.16 14.91
C PHE A 182 2.30 -5.11 15.21
N PHE A 183 2.59 -6.41 15.14
CA PHE A 183 1.61 -7.39 15.54
C PHE A 183 1.30 -7.19 17.02
N GLY A 184 0.02 -7.30 17.38
CA GLY A 184 -0.42 -6.97 18.71
C GLY A 184 -0.78 -5.51 18.94
N GLU A 185 -0.48 -4.61 17.99
CA GLU A 185 -0.88 -3.21 18.10
C GLU A 185 -2.25 -2.99 17.46
N SER A 186 -2.95 -1.97 17.94
CA SER A 186 -4.20 -1.59 17.32
C SER A 186 -3.98 -1.15 15.87
N LEU A 187 -4.89 -1.54 14.98
CA LEU A 187 -4.93 -0.99 13.66
C LEU A 187 -5.37 0.48 13.71
N PRO A 188 -5.01 1.29 12.73
CA PRO A 188 -5.25 2.74 12.82
C PRO A 188 -6.74 3.11 12.81
N ALA A 189 -7.13 4.05 13.67
CA ALA A 189 -8.52 4.49 13.70
C ALA A 189 -8.96 5.04 12.34
N ARG A 190 -8.03 5.69 11.64
CA ARG A 190 -8.35 6.28 10.35
C ARG A 190 -8.78 5.22 9.34
N PHE A 191 -8.24 4.00 9.44
CA PHE A 191 -8.66 2.93 8.53
C PHE A 191 -10.16 2.73 8.62
N PHE A 192 -10.68 2.65 9.84
CA PHE A 192 -12.10 2.36 10.02
C PHE A 192 -12.95 3.58 9.75
N SER A 193 -12.50 4.77 10.17
CA SER A 193 -13.27 5.99 9.91
C SER A 193 -13.40 6.27 8.42
N CYS A 194 -12.30 6.15 7.69
CA CYS A 194 -12.37 6.45 6.27
C CYS A 194 -13.19 5.42 5.54
N MET A 195 -13.05 4.15 5.91
CA MET A 195 -13.82 3.10 5.23
C MET A 195 -15.31 3.36 5.37
N GLN A 196 -15.76 3.78 6.55
CA GLN A 196 -17.19 4.05 6.74
C GLN A 196 -17.72 5.18 5.89
N SER A 197 -16.85 6.06 5.41
CA SER A 197 -17.31 7.21 4.63
C SER A 197 -17.04 7.02 3.15
N ASP A 198 -15.88 6.47 2.83
CA ASP A 198 -15.42 6.49 1.44
C ASP A 198 -16.26 5.56 0.58
N PHE A 199 -16.69 4.44 1.14
CA PHE A 199 -17.34 3.45 0.30
C PHE A 199 -18.79 3.80 0.00
N LEU A 200 -19.33 4.85 0.62
CA LEU A 200 -20.60 5.42 0.21
C LEU A 200 -20.46 6.20 -1.10
N LYS A 201 -19.23 6.53 -1.50
CA LYS A 201 -18.99 7.54 -2.54
C LYS A 201 -18.24 7.00 -3.74
N VAL A 202 -17.82 5.74 -3.72
CA VAL A 202 -16.87 5.25 -4.70
C VAL A 202 -17.59 4.82 -5.98
N ASP A 203 -16.98 5.15 -7.12
CA ASP A 203 -17.46 4.75 -8.43
C ASP A 203 -16.64 3.63 -9.07
N LEU A 204 -15.42 3.42 -8.62
CA LEU A 204 -14.54 2.42 -9.18
C LEU A 204 -13.55 2.00 -8.11
N LEU A 205 -13.32 0.70 -7.98
CA LEU A 205 -12.24 0.18 -7.14
C LEU A 205 -11.12 -0.30 -8.04
N LEU A 206 -9.92 0.21 -7.80
CA LEU A 206 -8.71 -0.24 -8.49
CA LEU A 206 -8.72 -0.24 -8.49
C LEU A 206 -7.88 -1.01 -7.48
N VAL A 207 -7.80 -2.32 -7.64
CA VAL A 207 -7.12 -3.21 -6.69
C VAL A 207 -5.80 -3.67 -7.32
N MET A 208 -4.67 -3.23 -6.77
CA MET A 208 -3.41 -3.39 -7.52
C MET A 208 -2.38 -4.01 -6.58
N GLY A 209 -1.74 -5.08 -7.03
CA GLY A 209 -0.63 -5.68 -6.29
C GLY A 209 -0.98 -6.20 -4.91
N THR A 210 -2.16 -6.74 -4.73
CA THR A 210 -2.47 -7.39 -3.46
C THR A 210 -3.16 -8.71 -3.75
N SER A 211 -2.75 -9.77 -3.03
CA SER A 211 -3.43 -11.06 -3.09
C SER A 211 -4.65 -11.14 -2.18
N LEU A 212 -5.00 -10.05 -1.49
CA LEU A 212 -6.22 -9.98 -0.71
C LEU A 212 -6.32 -11.14 0.28
N GLN A 213 -5.21 -11.44 0.94
CA GLN A 213 -5.17 -12.52 1.91
C GLN A 213 -5.04 -12.04 3.35
N VAL A 214 -4.73 -10.77 3.56
CA VAL A 214 -4.51 -10.19 4.88
C VAL A 214 -5.75 -9.39 5.28
N GLN A 215 -6.37 -9.76 6.48
CA GLN A 215 -7.51 -9.08 7.07
C GLN A 215 -7.06 -8.04 8.10
N PRO A 216 -7.84 -6.96 8.31
CA PRO A 216 -9.13 -6.64 7.67
C PRO A 216 -9.01 -5.97 6.31
N PHE A 217 -7.80 -5.71 5.80
CA PHE A 217 -7.67 -5.00 4.54
C PHE A 217 -8.42 -5.70 3.42
N ALA A 218 -8.32 -7.02 3.36
CA ALA A 218 -8.93 -7.76 2.25
C ALA A 218 -10.45 -7.58 2.20
N SER A 219 -11.09 -7.33 3.33
CA SER A 219 -12.55 -7.19 3.32
C SER A 219 -13.01 -5.87 2.74
N LEU A 220 -12.09 -4.95 2.43
CA LEU A 220 -12.50 -3.68 1.82
C LEU A 220 -13.22 -3.90 0.49
N ILE A 221 -12.90 -4.97 -0.24
CA ILE A 221 -13.57 -5.16 -1.53
C ILE A 221 -15.06 -5.39 -1.34
N SER A 222 -15.47 -5.92 -0.19
CA SER A 222 -16.87 -6.18 0.09
C SER A 222 -17.61 -4.96 0.63
N LYS A 223 -16.92 -3.82 0.79
CA LYS A 223 -17.56 -2.58 1.20
C LYS A 223 -18.04 -1.74 0.04
N ALA A 224 -17.66 -2.10 -1.19
CA ALA A 224 -18.11 -1.33 -2.34
C ALA A 224 -19.61 -1.56 -2.56
N PRO A 225 -20.34 -0.52 -2.98
CA PRO A 225 -21.69 -0.75 -3.51
C PRO A 225 -21.71 -1.88 -4.53
N LEU A 226 -22.84 -2.56 -4.62
CA LEU A 226 -23.03 -3.67 -5.54
C LEU A 226 -22.76 -3.31 -6.99
N SER A 227 -23.04 -2.06 -7.41
CA SER A 227 -22.84 -1.73 -8.81
C SER A 227 -21.40 -1.38 -9.16
N THR A 228 -20.55 -1.08 -8.16
CA THR A 228 -19.24 -0.47 -8.41
C THR A 228 -18.29 -1.43 -9.11
N PRO A 229 -17.78 -1.12 -10.30
CA PRO A 229 -16.80 -2.02 -10.94
C PRO A 229 -15.54 -2.12 -10.10
N ARG A 230 -14.92 -3.30 -10.16
CA ARG A 230 -13.67 -3.57 -9.46
C ARG A 230 -12.66 -4.14 -10.44
N LEU A 231 -11.55 -3.43 -10.64
CA LEU A 231 -10.48 -3.86 -11.52
C LEU A 231 -9.33 -4.36 -10.68
N LEU A 232 -8.96 -5.62 -10.87
CA LEU A 232 -7.74 -6.19 -10.27
C LEU A 232 -6.59 -6.13 -11.27
N ILE A 233 -5.50 -5.48 -10.88
CA ILE A 233 -4.25 -5.51 -11.64
C ILE A 233 -3.24 -6.20 -10.78
N ASN A 234 -2.86 -7.41 -11.14
CA ASN A 234 -2.07 -8.25 -10.26
C ASN A 234 -1.46 -9.37 -11.08
N LYS A 235 -0.35 -9.93 -10.57
CA LYS A 235 0.29 -11.03 -11.26
C LYS A 235 -0.62 -12.26 -11.33
N GLU A 236 -1.44 -12.47 -10.30
CA GLU A 236 -2.28 -13.65 -10.15
C GLU A 236 -3.69 -13.21 -9.78
N LYS A 237 -4.67 -13.98 -10.25
CA LYS A 237 -6.04 -13.71 -9.86
C LYS A 237 -6.18 -13.87 -8.35
N ALA A 238 -7.02 -13.02 -7.76
CA ALA A 238 -7.18 -13.01 -6.32
C ALA A 238 -8.55 -12.51 -5.96
N GLY A 239 -8.94 -12.77 -4.72
CA GLY A 239 -10.16 -12.17 -4.20
C GLY A 239 -11.43 -12.95 -4.44
N GLN A 240 -11.37 -14.08 -5.13
CA GLN A 240 -12.56 -14.89 -5.32
C GLN A 240 -12.94 -15.53 -3.99
N SER A 241 -14.22 -15.88 -3.85
CA SER A 241 -14.63 -16.61 -2.66
C SER A 241 -13.88 -17.95 -2.55
N ASP A 242 -13.61 -18.35 -1.31
CA ASP A 242 -12.84 -19.56 -1.07
C ASP A 242 -13.78 -20.76 -1.08
N PRO A 243 -13.63 -21.71 -2.01
CA PRO A 243 -14.58 -22.82 -2.10
C PRO A 243 -14.62 -23.71 -0.86
N PHE A 244 -13.64 -23.58 0.04
CA PHE A 244 -13.60 -24.42 1.23
C PHE A 244 -14.49 -23.92 2.34
N LEU A 245 -14.99 -22.69 2.24
CA LEU A 245 -15.83 -22.09 3.27
C LEU A 245 -17.31 -22.09 2.86
N GLY A 254 -17.22 -11.91 -2.62
CA GLY A 254 -15.95 -12.11 -3.29
C GLY A 254 -15.93 -11.64 -4.73
N MET A 255 -14.75 -11.62 -5.32
CA MET A 255 -14.60 -11.21 -6.71
C MET A 255 -15.22 -12.28 -7.61
N ASP A 256 -15.98 -11.87 -8.64
CA ASP A 256 -16.51 -12.83 -9.62
C ASP A 256 -16.05 -12.38 -11.00
N PHE A 257 -14.99 -13.01 -11.50
CA PHE A 257 -14.46 -12.59 -12.79
C PHE A 257 -15.05 -13.39 -13.93
N ASP A 258 -15.30 -14.66 -13.69
CA ASP A 258 -15.41 -15.63 -14.77
C ASP A 258 -16.74 -16.36 -14.86
N SER A 259 -17.62 -16.23 -13.88
CA SER A 259 -18.85 -16.99 -13.96
C SER A 259 -19.84 -16.34 -14.93
N LYS A 260 -20.92 -17.08 -15.23
CA LYS A 260 -22.00 -16.52 -16.03
C LYS A 260 -22.71 -15.37 -15.33
N LYS A 261 -22.52 -15.24 -14.02
CA LYS A 261 -23.14 -14.18 -13.25
C LYS A 261 -22.26 -12.95 -13.15
N ALA A 262 -21.04 -13.02 -13.66
CA ALA A 262 -20.09 -11.90 -13.54
C ALA A 262 -20.61 -10.68 -14.26
N TYR A 263 -20.46 -9.51 -13.62
CA TYR A 263 -21.03 -8.31 -14.19
C TYR A 263 -20.19 -7.06 -13.94
N ARG A 264 -19.18 -7.12 -13.06
CA ARG A 264 -18.49 -5.87 -12.71
C ARG A 264 -17.02 -6.00 -12.36
N ASP A 265 -16.52 -7.24 -12.23
CA ASP A 265 -15.15 -7.47 -11.82
C ASP A 265 -14.30 -7.86 -13.02
N VAL A 266 -13.11 -7.28 -13.11
CA VAL A 266 -12.21 -7.46 -14.26
C VAL A 266 -10.81 -7.73 -13.70
N ALA A 267 -10.16 -8.78 -14.21
CA ALA A 267 -8.79 -9.11 -13.85
C ALA A 267 -7.86 -8.85 -15.02
N TRP A 268 -6.82 -8.07 -14.78
CA TRP A 268 -5.73 -7.89 -15.72
C TRP A 268 -4.50 -8.51 -15.07
N LEU A 269 -4.01 -9.60 -15.66
CA LEU A 269 -2.96 -10.41 -15.06
C LEU A 269 -1.62 -10.05 -15.67
N GLY A 270 -0.71 -9.57 -14.83
CA GLY A 270 0.61 -9.19 -15.27
C GLY A 270 1.26 -8.35 -14.20
N GLU A 271 2.41 -7.80 -14.56
CA GLU A 271 3.13 -6.90 -13.67
C GLU A 271 2.32 -5.63 -13.49
N CYS A 272 2.23 -5.15 -12.25
CA CYS A 272 1.40 -3.99 -11.96
C CYS A 272 1.82 -2.79 -12.79
N ASP A 273 3.14 -2.54 -12.92
CA ASP A 273 3.56 -1.42 -13.78
C ASP A 273 3.02 -1.56 -15.18
N GLN A 274 3.02 -2.76 -15.72
CA GLN A 274 2.57 -2.93 -17.09
C GLN A 274 1.07 -2.76 -17.21
N GLY A 275 0.31 -3.16 -16.18
CA GLY A 275 -1.12 -2.98 -16.24
C GLY A 275 -1.50 -1.52 -16.15
N CYS A 276 -0.84 -0.77 -15.26
CA CYS A 276 -1.12 0.66 -15.18
C CYS A 276 -0.73 1.37 -16.47
N LEU A 277 0.38 0.96 -17.07
CA LEU A 277 0.77 1.51 -18.37
CA LEU A 277 0.77 1.51 -18.37
C LEU A 277 -0.31 1.25 -19.41
N ALA A 278 -0.85 0.03 -19.43
CA ALA A 278 -1.88 -0.31 -20.41
C ALA A 278 -3.13 0.51 -20.20
N LEU A 279 -3.56 0.66 -18.94
CA LEU A 279 -4.73 1.47 -18.65
C LEU A 279 -4.48 2.93 -18.99
N ALA A 280 -3.31 3.48 -18.61
CA ALA A 280 -3.02 4.87 -18.98
C ALA A 280 -3.07 5.04 -20.49
N GLU A 281 -2.54 4.08 -21.23
CA GLU A 281 -2.52 4.24 -22.68
C GLU A 281 -3.95 4.28 -23.24
N LEU A 282 -4.84 3.42 -22.73
CA LEU A 282 -6.25 3.50 -23.14
C LEU A 282 -6.88 4.86 -22.81
N LEU A 283 -6.49 5.47 -21.66
CA LEU A 283 -7.07 6.73 -21.25
C LEU A 283 -6.48 7.95 -21.97
N GLY A 284 -5.45 7.77 -22.80
CA GLY A 284 -4.75 8.88 -23.41
C GLY A 284 -3.74 9.53 -22.50
N TRP A 285 -3.35 8.84 -21.43
CA TRP A 285 -2.47 9.39 -20.40
C TRP A 285 -1.03 8.87 -20.50
N LYS A 286 -0.70 8.09 -21.54
CA LYS A 286 0.59 7.42 -21.53
C LYS A 286 1.74 8.42 -21.56
N LYS A 287 1.65 9.43 -22.44
CA LYS A 287 2.72 10.44 -22.48
C LYS A 287 2.82 11.19 -21.16
N GLU A 288 1.68 11.55 -20.57
CA GLU A 288 1.70 12.23 -19.27
C GLU A 288 2.37 11.38 -18.20
N LEU A 289 2.03 10.09 -18.17
CA LEU A 289 2.61 9.17 -17.18
C LEU A 289 4.11 8.99 -17.41
N GLU A 290 4.52 8.79 -18.66
CA GLU A 290 5.95 8.65 -18.95
C GLU A 290 6.71 9.90 -18.54
N ASP A 291 6.16 11.07 -18.85
CA ASP A 291 6.81 12.33 -18.53
C ASP A 291 6.95 12.51 -17.02
N LEU A 292 5.91 12.16 -16.26
CA LEU A 292 5.97 12.28 -14.81
C LEU A 292 6.99 11.32 -14.22
N VAL A 293 6.91 10.04 -14.60
CA VAL A 293 7.84 9.05 -14.06
C VAL A 293 9.30 9.42 -14.38
N ARG A 294 9.60 9.76 -15.65
CA ARG A 294 10.99 10.05 -16.00
CA ARG A 294 10.98 10.05 -16.02
C ARG A 294 11.51 11.26 -15.24
N ARG A 295 10.65 12.26 -15.05
CA ARG A 295 11.04 13.46 -14.31
CA ARG A 295 11.04 13.45 -14.31
C ARG A 295 11.30 13.14 -12.85
N GLU A 296 10.39 12.39 -12.22
CA GLU A 296 10.54 12.13 -10.79
C GLU A 296 11.70 11.16 -10.55
N HIS A 297 11.86 10.15 -11.42
CA HIS A 297 13.02 9.27 -11.30
C HIS A 297 14.32 10.03 -11.47
N ALA A 298 14.37 10.93 -12.46
CA ALA A 298 15.58 11.72 -12.68
C ALA A 298 15.89 12.54 -11.45
N SER A 299 14.86 13.09 -10.81
CA SER A 299 15.08 13.92 -9.63
C SER A 299 15.59 13.10 -8.45
N ILE A 300 15.02 11.91 -8.25
CA ILE A 300 15.48 11.03 -7.19
C ILE A 300 16.91 10.57 -7.46
N ASP A 301 17.24 10.26 -8.72
CA ASP A 301 18.59 9.79 -9.03
C ASP A 301 19.62 10.87 -8.80
N ALA A 302 19.22 12.13 -8.93
CA ALA A 302 20.09 13.27 -8.81
C ALA A 302 20.21 13.82 -7.39
N GLN A 303 19.53 13.22 -6.43
CA GLN A 303 19.63 13.72 -5.04
C GLN A 303 21.07 13.68 -4.56
N PRO B 4 -9.28 -2.88 17.43
CA PRO B 4 -8.96 -4.21 16.90
C PRO B 4 -7.47 -4.35 16.63
N LYS B 5 -6.87 -5.43 17.12
CA LYS B 5 -5.41 -5.60 17.05
C LYS B 5 -4.95 -6.27 15.76
N LYS B 6 -3.73 -5.96 15.35
CA LYS B 6 -3.11 -6.57 14.13
C LYS B 6 -2.66 -8.00 14.45
N GLY B 8 -1.57 -12.17 12.38
CA GLY B 8 -1.14 -12.82 11.15
C GLY B 8 -2.19 -12.83 10.06
N GLY B 9 -3.37 -13.37 10.36
CA GLY B 9 -4.46 -13.55 9.37
C GLY B 9 -4.83 -12.19 8.76
#